data_4TGL
#
_entry.id   4TGL
#
_cell.length_a   48.300
_cell.length_b   93.900
_cell.length_c   122.100
_cell.angle_alpha   90.00
_cell.angle_beta   90.00
_cell.angle_gamma   90.00
#
_symmetry.space_group_name_H-M   'C 2 2 21'
#
loop_
_entity.id
_entity.type
_entity.pdbx_description
1 polymer 'TRIACYL-GLYCEROL ACYLHYDROLASE'
2 non-polymer 'DIETHYL PHOSPHONATE'
3 water water
#
_entity_poly.entity_id   1
_entity_poly.type   'polypeptide(L)'
_entity_poly.pdbx_seq_one_letter_code
;SINGGIRAATSQEINELTYYTTLSANSYCRTVIPGATWDCIHCDATEDLKIIKTWSTLIYDTNAMVARGDSEKTIYIVFR
GSSSIRNWIADLTFVPVSYPPVSGTKVHKGFLDSYGEVQNELVATVLDQFKQYPSYKVAVTGHSLGGATALLCALDLYQR
EEGLSSSNLFLYTQGQPRVGNPAFANYVVSTGIPYRRTVNERDIVPHLPPAAFGFLHAGSEYWITDNSPETVQVCTSDLE
TSDCSNSIVPFTSVLDHLSYFGINTGLCT
;
_entity_poly.pdbx_strand_id   A
#
# COMPACT_ATOMS: atom_id res chain seq x y z
N GLY A 5 20.91 -5.65 6.87
CA GLY A 5 21.99 -4.78 6.40
C GLY A 5 21.33 -3.70 5.56
N ILE A 6 22.23 -3.22 4.72
CA ILE A 6 21.69 -2.18 3.86
C ILE A 6 22.23 -2.64 2.51
N ARG A 7 21.45 -2.58 1.50
CA ARG A 7 22.03 -3.02 0.21
C ARG A 7 21.28 -2.14 -0.77
N ALA A 8 21.60 -2.33 -2.00
CA ALA A 8 20.92 -1.54 -3.00
C ALA A 8 19.99 -2.35 -3.89
N ALA A 9 18.89 -1.75 -4.32
CA ALA A 9 17.86 -2.24 -5.20
C ALA A 9 18.49 -2.59 -6.56
N THR A 10 18.26 -3.77 -7.06
CA THR A 10 18.73 -4.32 -8.34
C THR A 10 17.77 -3.69 -9.32
N SER A 11 18.13 -3.32 -10.49
CA SER A 11 17.35 -2.70 -11.53
C SER A 11 16.05 -3.45 -11.66
N GLN A 12 16.08 -4.74 -11.31
CA GLN A 12 14.79 -5.42 -11.42
C GLN A 12 13.74 -4.97 -10.40
N GLU A 13 14.19 -4.82 -9.17
CA GLU A 13 13.24 -4.45 -8.10
C GLU A 13 12.77 -3.08 -8.47
N ILE A 14 13.81 -2.28 -8.77
CA ILE A 14 13.43 -0.92 -9.14
C ILE A 14 12.29 -0.90 -10.16
N ASN A 15 12.31 -1.79 -11.11
CA ASN A 15 11.34 -1.86 -12.27
C ASN A 15 10.00 -2.40 -11.93
N GLU A 16 10.06 -3.23 -10.95
CA GLU A 16 8.88 -3.87 -10.39
C GLU A 16 8.26 -2.87 -9.43
N LEU A 17 9.05 -2.22 -8.57
CA LEU A 17 8.59 -1.17 -7.64
C LEU A 17 7.96 0.00 -8.44
N THR A 18 8.15 0.31 -9.70
CA THR A 18 7.47 1.40 -10.39
C THR A 18 6.09 1.20 -10.99
N TYR A 19 5.88 -0.08 -11.26
CA TYR A 19 4.72 -0.72 -11.84
C TYR A 19 3.63 -0.70 -10.77
N TYR A 20 3.96 -0.99 -9.52
CA TYR A 20 3.07 -0.99 -8.35
C TYR A 20 2.71 0.47 -8.09
N THR A 21 3.71 1.30 -8.19
CA THR A 21 3.65 2.78 -8.11
C THR A 21 2.69 3.33 -9.20
N THR A 22 2.82 2.88 -10.45
CA THR A 22 1.85 3.32 -11.45
C THR A 22 0.44 2.85 -11.17
N LEU A 23 0.27 1.62 -10.73
CA LEU A 23 -1.10 1.15 -10.41
C LEU A 23 -1.63 2.10 -9.32
N SER A 24 -0.87 2.39 -8.28
CA SER A 24 -1.20 3.26 -7.13
C SER A 24 -1.56 4.70 -7.62
N ALA A 25 -0.81 5.26 -8.55
CA ALA A 25 -1.12 6.62 -8.99
C ALA A 25 -2.29 6.66 -9.94
N ASN A 26 -2.47 5.57 -10.69
CA ASN A 26 -3.60 5.68 -11.66
C ASN A 26 -4.91 5.62 -10.87
N SER A 27 -4.82 5.03 -9.70
CA SER A 27 -6.01 4.89 -8.89
C SER A 27 -6.46 6.30 -8.51
N TYR A 28 -5.67 7.37 -8.45
CA TYR A 28 -6.28 8.68 -8.09
C TYR A 28 -7.10 9.26 -9.24
N CYS A 29 -7.17 8.51 -10.36
CA CYS A 29 -7.91 8.96 -11.55
C CYS A 29 -9.38 8.58 -11.46
N ARG A 30 -10.26 9.57 -11.58
CA ARG A 30 -11.75 9.47 -11.56
C ARG A 30 -12.15 8.50 -12.70
N THR A 31 -11.39 8.36 -13.82
CA THR A 31 -11.81 7.43 -14.87
C THR A 31 -11.46 5.97 -14.58
N VAL A 32 -10.66 5.62 -13.61
CA VAL A 32 -10.21 4.28 -13.20
C VAL A 32 -11.19 4.03 -12.08
N ILE A 33 -10.96 4.75 -10.99
CA ILE A 33 -12.02 4.61 -9.97
C ILE A 33 -12.79 5.96 -9.95
N PRO A 34 -14.03 5.93 -10.24
CA PRO A 34 -14.83 4.76 -10.56
C PRO A 34 -15.18 4.61 -12.02
N GLY A 35 -14.65 5.45 -12.92
CA GLY A 35 -14.95 5.28 -14.36
C GLY A 35 -14.72 3.80 -14.67
N ALA A 36 -13.67 3.19 -14.12
CA ALA A 36 -13.30 1.83 -14.33
C ALA A 36 -12.80 1.70 -15.76
N THR A 37 -12.07 2.68 -16.31
CA THR A 37 -11.58 2.55 -17.72
C THR A 37 -10.08 2.87 -17.71
N TRP A 38 -9.18 2.34 -18.50
CA TRP A 38 -7.78 2.72 -18.47
C TRP A 38 -7.69 3.96 -19.34
N ASP A 39 -8.20 5.05 -18.79
CA ASP A 39 -8.13 6.33 -19.57
C ASP A 39 -7.61 7.35 -18.56
N CYS A 40 -6.29 7.35 -18.65
CA CYS A 40 -5.45 8.22 -17.83
C CYS A 40 -4.03 8.19 -18.38
N ILE A 41 -3.35 9.25 -17.91
CA ILE A 41 -1.97 9.54 -18.33
C ILE A 41 -0.95 8.43 -18.25
N HIS A 42 -1.21 7.52 -17.35
CA HIS A 42 -0.17 6.44 -17.24
C HIS A 42 -0.93 5.10 -17.21
N CYS A 43 -2.07 5.18 -17.88
CA CYS A 43 -3.06 4.10 -18.03
C CYS A 43 -2.65 3.15 -19.13
N ASP A 44 -2.03 3.58 -20.19
CA ASP A 44 -1.54 2.62 -21.21
C ASP A 44 -0.60 1.60 -20.63
N ALA A 45 0.06 1.88 -19.54
CA ALA A 45 1.05 1.01 -18.90
C ALA A 45 0.43 -0.20 -18.19
N THR A 46 -0.81 0.04 -17.76
CA THR A 46 -1.59 -0.98 -17.05
C THR A 46 -2.84 -1.38 -17.82
N GLU A 47 -3.13 -0.97 -19.04
CA GLU A 47 -4.29 -1.24 -19.83
C GLU A 47 -4.59 -2.68 -20.19
N ASP A 48 -3.79 -3.67 -20.04
CA ASP A 48 -3.96 -5.11 -20.35
C ASP A 48 -4.68 -5.93 -19.27
N LEU A 49 -4.78 -5.35 -18.10
CA LEU A 49 -5.42 -5.82 -16.87
C LEU A 49 -6.93 -5.68 -17.08
N LYS A 50 -7.73 -6.55 -16.52
CA LYS A 50 -9.21 -6.44 -16.66
C LYS A 50 -9.60 -5.92 -15.30
N ILE A 51 -10.34 -4.81 -15.35
CA ILE A 51 -10.74 -4.20 -14.06
C ILE A 51 -11.88 -5.08 -13.61
N ILE A 52 -11.93 -5.54 -12.39
CA ILE A 52 -13.09 -6.43 -12.11
C ILE A 52 -14.18 -5.72 -11.34
N LYS A 53 -13.83 -4.88 -10.37
CA LYS A 53 -14.92 -4.18 -9.65
C LYS A 53 -14.23 -2.92 -9.15
N THR A 54 -14.99 -1.87 -8.93
CA THR A 54 -14.38 -0.65 -8.34
C THR A 54 -15.35 -0.30 -7.16
N TRP A 55 -15.01 0.33 -6.05
CA TRP A 55 -15.81 0.70 -4.89
C TRP A 55 -15.41 2.12 -4.43
N SER A 56 -16.37 2.88 -3.96
CA SER A 56 -16.23 4.27 -3.43
C SER A 56 -17.13 4.24 -2.19
N THR A 57 -16.71 3.64 -1.07
CA THR A 57 -17.57 3.51 0.09
C THR A 57 -17.87 4.89 0.63
N LEU A 58 -19.11 5.01 1.02
CA LEU A 58 -19.75 6.22 1.49
C LEU A 58 -19.33 6.93 2.75
N ILE A 59 -19.21 6.17 3.84
CA ILE A 59 -18.76 7.05 4.97
C ILE A 59 -17.33 7.48 4.76
N TYR A 60 -16.37 6.56 4.75
CA TYR A 60 -14.96 6.86 4.63
C TYR A 60 -14.49 7.20 3.25
N ASP A 61 -15.40 7.07 2.28
CA ASP A 61 -14.77 7.41 0.97
C ASP A 61 -13.65 6.40 0.62
N THR A 62 -13.53 5.17 1.06
CA THR A 62 -12.46 4.26 0.62
C THR A 62 -12.51 3.91 -0.85
N ASN A 63 -11.50 4.09 -1.69
CA ASN A 63 -11.60 3.81 -3.13
C ASN A 63 -10.69 2.65 -3.43
N ALA A 64 -11.23 1.54 -3.93
CA ALA A 64 -10.29 0.40 -4.20
C ALA A 64 -10.74 -0.29 -5.45
N MET A 65 -9.95 -1.27 -5.94
CA MET A 65 -10.38 -1.98 -7.15
C MET A 65 -9.69 -3.32 -7.20
N VAL A 66 -10.34 -4.22 -7.92
CA VAL A 66 -9.77 -5.58 -8.14
C VAL A 66 -9.67 -5.71 -9.65
N ALA A 67 -8.50 -6.12 -10.09
CA ALA A 67 -8.27 -6.30 -11.53
C ALA A 67 -7.50 -7.59 -11.74
N ARG A 68 -7.51 -8.13 -12.93
CA ARG A 68 -6.75 -9.35 -13.23
C ARG A 68 -5.78 -9.23 -14.39
N GLY A 69 -4.54 -9.62 -14.22
CA GLY A 69 -3.65 -9.49 -15.42
C GLY A 69 -3.57 -10.92 -15.90
N ASP A 70 -4.12 -11.46 -16.95
CA ASP A 70 -3.95 -12.91 -17.28
C ASP A 70 -2.59 -13.08 -17.93
N SER A 71 -2.05 -12.14 -18.70
CA SER A 71 -0.66 -12.26 -19.23
C SER A 71 0.26 -12.38 -18.02
N GLU A 72 -0.04 -11.69 -16.92
CA GLU A 72 0.84 -11.72 -15.74
C GLU A 72 0.52 -12.72 -14.64
N LYS A 73 -0.60 -13.42 -14.81
CA LYS A 73 -1.00 -14.46 -13.85
C LYS A 73 -1.12 -13.76 -12.51
N THR A 74 -1.74 -12.57 -12.51
CA THR A 74 -1.87 -11.83 -11.25
C THR A 74 -3.31 -11.27 -11.26
N ILE A 75 -3.67 -11.22 -10.01
CA ILE A 75 -4.86 -10.70 -9.36
C ILE A 75 -4.43 -9.45 -8.49
N TYR A 76 -4.66 -8.25 -8.99
CA TYR A 76 -4.37 -6.96 -8.36
C TYR A 76 -5.52 -6.35 -7.55
N ILE A 77 -5.14 -5.88 -6.40
CA ILE A 77 -6.07 -5.19 -5.52
C ILE A 77 -5.39 -3.82 -5.26
N VAL A 78 -6.14 -2.76 -5.51
CA VAL A 78 -5.59 -1.46 -5.32
C VAL A 78 -6.53 -0.46 -4.66
N PHE A 79 -5.93 0.17 -3.66
CA PHE A 79 -6.59 1.27 -2.93
C PHE A 79 -5.99 2.68 -3.14
N ARG A 80 -6.84 3.71 -3.29
CA ARG A 80 -6.39 5.10 -3.50
C ARG A 80 -6.04 5.82 -2.19
N GLY A 81 -5.11 6.81 -2.23
CA GLY A 81 -4.87 7.55 -0.94
C GLY A 81 -5.93 8.68 -0.80
N SER A 82 -5.67 9.60 0.15
CA SER A 82 -6.52 10.78 0.43
C SER A 82 -6.75 11.68 -0.77
N SER A 83 -8.08 11.87 -0.94
CA SER A 83 -8.48 12.68 -2.13
C SER A 83 -9.69 13.53 -1.73
N SER A 84 -10.21 13.14 -0.55
CA SER A 84 -11.34 13.88 -0.01
C SER A 84 -11.33 14.03 1.50
N ILE A 85 -12.01 15.07 1.97
CA ILE A 85 -12.17 15.42 3.37
C ILE A 85 -12.43 14.23 4.30
N ARG A 86 -13.21 13.30 3.78
CA ARG A 86 -13.59 12.10 4.54
C ARG A 86 -12.34 11.27 4.69
N ASN A 87 -11.36 11.32 3.80
CA ASN A 87 -10.11 10.61 3.89
C ASN A 87 -9.18 11.34 4.82
N TRP A 88 -9.35 12.65 4.76
CA TRP A 88 -8.39 13.44 5.62
C TRP A 88 -8.78 13.25 7.06
N ILE A 89 -10.04 13.42 7.39
CA ILE A 89 -10.45 13.25 8.82
C ILE A 89 -10.19 11.82 9.22
N ALA A 90 -10.20 10.82 8.33
CA ALA A 90 -9.93 9.46 8.86
C ALA A 90 -8.45 9.46 9.24
N ASP A 91 -7.75 10.01 8.27
CA ASP A 91 -6.30 10.14 8.31
C ASP A 91 -5.81 10.65 9.69
N LEU A 92 -6.61 11.56 10.20
CA LEU A 92 -6.42 12.27 11.46
C LEU A 92 -7.00 11.48 12.63
N THR A 93 -7.99 10.66 12.45
CA THR A 93 -8.47 9.96 13.68
C THR A 93 -7.51 8.84 14.00
N PHE A 94 -6.36 9.05 14.60
CA PHE A 94 -5.38 8.02 14.93
C PHE A 94 -5.46 7.41 16.31
N VAL A 95 -6.54 7.68 16.97
CA VAL A 95 -6.46 7.00 18.32
C VAL A 95 -6.17 5.57 18.09
N PRO A 96 -5.24 4.92 18.72
CA PRO A 96 -4.98 3.50 18.48
C PRO A 96 -6.21 2.78 19.01
N VAL A 97 -6.68 1.78 18.31
CA VAL A 97 -7.88 1.04 18.79
C VAL A 97 -7.44 -0.40 18.83
N SER A 98 -8.33 -1.37 19.16
CA SER A 98 -7.68 -2.73 19.14
C SER A 98 -7.75 -3.39 17.76
N TYR A 99 -6.75 -4.28 17.70
CA TYR A 99 -6.64 -5.00 16.41
C TYR A 99 -7.44 -6.29 16.64
N PRO A 100 -8.66 -6.32 16.13
CA PRO A 100 -9.53 -7.50 16.29
C PRO A 100 -8.92 -8.88 16.01
N PRO A 101 -8.50 -9.25 14.79
CA PRO A 101 -7.94 -10.56 14.60
C PRO A 101 -6.71 -10.79 15.44
N VAL A 102 -6.03 -9.98 16.16
CA VAL A 102 -4.78 -10.34 16.88
C VAL A 102 -4.72 -9.65 18.25
N SER A 103 -4.99 -10.44 19.29
CA SER A 103 -4.96 -9.93 20.67
C SER A 103 -3.55 -9.37 20.92
N GLY A 104 -3.72 -8.28 21.70
CA GLY A 104 -2.58 -7.50 22.15
C GLY A 104 -2.14 -6.57 21.05
N THR A 105 -2.87 -6.45 19.95
CA THR A 105 -2.36 -5.53 18.93
C THR A 105 -3.33 -4.35 18.86
N LYS A 106 -2.62 -3.29 18.46
CA LYS A 106 -3.25 -1.97 18.24
C LYS A 106 -2.92 -1.38 16.87
N VAL A 107 -3.92 -0.74 16.29
CA VAL A 107 -3.87 -0.08 14.99
C VAL A 107 -4.63 1.23 14.96
N HIS A 108 -4.18 2.22 14.29
CA HIS A 108 -4.81 3.50 14.06
C HIS A 108 -6.26 3.35 13.67
N LYS A 109 -7.22 3.74 14.51
CA LYS A 109 -8.64 3.61 14.17
C LYS A 109 -9.04 4.13 12.81
N GLY A 110 -8.86 5.39 12.47
CA GLY A 110 -9.29 5.81 11.12
C GLY A 110 -9.00 4.83 9.98
N PHE A 111 -7.80 4.30 9.90
CA PHE A 111 -7.34 3.37 8.87
C PHE A 111 -8.19 2.07 8.89
N LEU A 112 -8.53 1.61 10.09
CA LEU A 112 -9.30 0.39 10.37
C LEU A 112 -10.73 0.51 9.85
N ASP A 113 -11.29 1.61 10.23
CA ASP A 113 -12.64 2.06 9.87
C ASP A 113 -12.76 2.15 8.35
N SER A 114 -11.76 2.70 7.73
CA SER A 114 -11.65 2.90 6.29
C SER A 114 -11.61 1.55 5.54
N TYR A 115 -10.89 0.56 6.12
CA TYR A 115 -10.85 -0.78 5.45
C TYR A 115 -12.15 -1.50 5.84
N GLY A 116 -12.52 -1.43 7.12
CA GLY A 116 -13.77 -2.07 7.52
C GLY A 116 -14.91 -1.69 6.61
N GLU A 117 -15.12 -0.56 5.97
CA GLU A 117 -16.30 -0.33 5.13
C GLU A 117 -16.25 -0.97 3.74
N VAL A 118 -15.10 -1.34 3.16
CA VAL A 118 -15.08 -1.92 1.78
C VAL A 118 -14.74 -3.44 1.83
N GLN A 119 -14.10 -3.83 2.88
CA GLN A 119 -13.57 -5.05 3.34
C GLN A 119 -14.28 -6.27 2.76
N ASN A 120 -15.50 -6.35 3.19
CA ASN A 120 -16.32 -7.49 2.82
C ASN A 120 -16.70 -7.70 1.38
N GLU A 121 -17.16 -6.65 0.74
CA GLU A 121 -17.49 -6.79 -0.64
C GLU A 121 -16.16 -6.90 -1.42
N LEU A 122 -15.09 -6.45 -0.83
CA LEU A 122 -13.83 -6.52 -1.55
C LEU A 122 -13.28 -7.94 -1.31
N VAL A 123 -13.22 -8.44 -0.10
CA VAL A 123 -12.63 -9.79 0.11
C VAL A 123 -13.35 -10.87 -0.68
N ALA A 124 -14.65 -10.75 -0.79
CA ALA A 124 -15.46 -11.67 -1.63
C ALA A 124 -15.18 -11.52 -3.13
N THR A 125 -14.52 -10.56 -3.77
CA THR A 125 -14.36 -10.59 -5.23
C THR A 125 -13.06 -11.34 -5.41
N VAL A 126 -12.13 -11.00 -4.57
CA VAL A 126 -10.75 -11.52 -4.67
C VAL A 126 -10.88 -13.01 -4.63
N LEU A 127 -11.46 -13.41 -3.53
CA LEU A 127 -11.70 -14.85 -3.43
C LEU A 127 -12.45 -15.44 -4.62
N ASP A 128 -13.44 -14.71 -5.12
CA ASP A 128 -14.29 -15.27 -6.23
C ASP A 128 -13.32 -15.53 -7.38
N GLN A 129 -12.62 -14.44 -7.63
CA GLN A 129 -11.56 -14.26 -8.64
C GLN A 129 -10.45 -15.31 -8.61
N PHE A 130 -10.02 -15.66 -7.42
CA PHE A 130 -9.03 -16.64 -7.09
C PHE A 130 -9.47 -18.12 -7.02
N LYS A 131 -10.79 -18.22 -6.77
CA LYS A 131 -11.37 -19.57 -6.68
C LYS A 131 -11.25 -19.98 -8.14
N GLN A 132 -11.46 -19.06 -9.10
CA GLN A 132 -11.30 -19.46 -10.52
C GLN A 132 -9.91 -19.49 -11.12
N TYR A 133 -8.86 -18.99 -10.56
CA TYR A 133 -7.47 -18.86 -10.88
C TYR A 133 -6.62 -19.15 -9.69
N PRO A 134 -6.75 -20.33 -9.09
CA PRO A 134 -5.99 -20.74 -7.91
C PRO A 134 -4.50 -20.62 -8.18
N SER A 135 -4.07 -20.64 -9.44
CA SER A 135 -2.59 -20.57 -9.53
C SER A 135 -1.98 -19.19 -9.56
N TYR A 136 -2.76 -18.16 -9.83
CA TYR A 136 -2.31 -16.78 -9.91
C TYR A 136 -1.90 -16.31 -8.52
N LYS A 137 -1.25 -15.17 -8.59
CA LYS A 137 -0.87 -14.63 -7.24
C LYS A 137 -1.70 -13.36 -7.03
N VAL A 138 -1.61 -12.86 -5.80
CA VAL A 138 -2.30 -11.63 -5.39
C VAL A 138 -1.30 -10.56 -4.95
N ALA A 139 -1.24 -9.50 -5.70
CA ALA A 139 -0.41 -8.33 -5.49
C ALA A 139 -1.38 -7.22 -5.00
N VAL A 140 -1.15 -6.63 -3.82
CA VAL A 140 -1.95 -5.53 -3.17
C VAL A 140 -1.04 -4.31 -3.09
N THR A 141 -1.51 -3.24 -3.66
CA THR A 141 -0.77 -1.98 -3.70
C THR A 141 -1.56 -0.74 -3.32
N GLY A 142 -0.80 0.24 -2.79
CA GLY A 142 -1.43 1.51 -2.30
C GLY A 142 -0.43 2.57 -1.83
N HIS A 143 -0.86 3.80 -2.08
CA HIS A 143 -0.22 5.08 -1.77
C HIS A 143 -0.77 5.89 -0.58
N SER A 144 0.13 6.22 0.35
CA SER A 144 -0.24 7.06 1.53
C SER A 144 -1.46 6.50 2.23
N LEU A 145 -2.68 7.00 2.30
CA LEU A 145 -3.65 6.12 3.03
C LEU A 145 -3.79 4.73 2.34
N GLY A 146 -3.79 4.76 1.02
CA GLY A 146 -4.02 3.55 0.27
C GLY A 146 -3.06 2.47 0.70
N GLY A 147 -1.88 2.91 1.09
CA GLY A 147 -0.86 1.95 1.47
C GLY A 147 -1.25 1.37 2.83
N ALA A 148 -1.88 2.18 3.63
CA ALA A 148 -2.28 1.80 4.97
C ALA A 148 -3.38 0.71 4.92
N THR A 149 -4.34 1.01 4.03
CA THR A 149 -5.48 0.13 3.81
C THR A 149 -5.01 -1.12 3.04
N ALA A 150 -4.13 -0.89 2.06
CA ALA A 150 -3.48 -2.01 1.28
C ALA A 150 -2.90 -2.90 2.36
N LEU A 151 -2.11 -2.47 3.32
CA LEU A 151 -1.63 -3.33 4.41
C LEU A 151 -2.76 -4.12 5.10
N LEU A 152 -3.75 -3.50 5.70
CA LEU A 152 -4.80 -4.25 6.40
C LEU A 152 -5.45 -5.37 5.63
N CYS A 153 -5.51 -5.18 4.33
CA CYS A 153 -6.14 -6.10 3.32
C CYS A 153 -5.29 -7.34 3.24
N ALA A 154 -4.08 -7.27 2.70
CA ALA A 154 -3.16 -8.36 2.67
C ALA A 154 -3.30 -9.14 3.96
N LEU A 155 -3.55 -8.49 5.07
CA LEU A 155 -3.66 -9.16 6.37
C LEU A 155 -5.02 -9.84 6.48
N ASP A 156 -6.04 -9.11 6.10
CA ASP A 156 -7.38 -9.71 6.15
C ASP A 156 -7.30 -10.98 5.26
N LEU A 157 -6.74 -10.92 4.07
CA LEU A 157 -6.65 -12.02 3.11
C LEU A 157 -5.79 -13.18 3.62
N TYR A 158 -4.69 -13.01 4.30
CA TYR A 158 -3.87 -14.09 4.82
C TYR A 158 -4.53 -14.75 6.04
N GLN A 159 -5.46 -13.96 6.56
CA GLN A 159 -6.18 -14.45 7.76
C GLN A 159 -7.38 -15.31 7.33
N ARG A 160 -7.93 -15.17 6.15
CA ARG A 160 -9.15 -15.98 5.85
C ARG A 160 -8.81 -17.43 5.53
N GLU A 161 -7.57 -17.85 5.68
CA GLU A 161 -6.98 -19.14 5.44
C GLU A 161 -7.73 -19.79 4.29
N GLU A 162 -7.53 -19.14 3.16
CA GLU A 162 -8.18 -19.65 1.95
C GLU A 162 -7.28 -20.00 0.81
N GLY A 163 -6.01 -20.27 0.98
CA GLY A 163 -5.04 -20.67 -0.03
C GLY A 163 -3.86 -19.71 -0.31
N LEU A 164 -4.06 -18.52 0.25
CA LEU A 164 -3.28 -17.28 0.28
C LEU A 164 -2.32 -17.32 1.45
N SER A 165 -1.04 -17.26 1.33
CA SER A 165 -0.19 -17.28 2.54
C SER A 165 0.91 -16.47 1.84
N SER A 166 2.04 -16.59 2.45
CA SER A 166 3.28 -16.01 2.04
C SER A 166 3.85 -16.29 0.67
N SER A 167 3.39 -17.34 0.00
CA SER A 167 4.07 -17.64 -1.30
C SER A 167 3.31 -17.13 -2.51
N ASN A 168 2.12 -16.58 -2.12
CA ASN A 168 1.24 -16.07 -3.19
C ASN A 168 0.51 -14.78 -2.83
N LEU A 169 0.98 -14.15 -1.79
CA LEU A 169 0.42 -12.80 -1.42
C LEU A 169 1.56 -11.79 -1.42
N PHE A 170 1.52 -10.71 -2.14
CA PHE A 170 2.55 -9.66 -2.16
C PHE A 170 1.96 -8.30 -1.79
N LEU A 171 2.66 -7.46 -1.04
CA LEU A 171 2.32 -6.12 -0.59
C LEU A 171 3.33 -5.06 -1.03
N TYR A 172 2.92 -4.03 -1.71
CA TYR A 172 3.72 -2.89 -2.11
C TYR A 172 3.08 -1.59 -1.56
N THR A 173 3.82 -0.77 -0.81
CA THR A 173 3.13 0.50 -0.43
C THR A 173 4.13 1.59 -0.86
N GLN A 174 3.63 2.82 -0.93
CA GLN A 174 4.48 3.99 -1.31
C GLN A 174 4.06 5.13 -0.35
N GLY A 175 5.04 5.83 0.15
CA GLY A 175 4.91 6.92 1.11
C GLY A 175 3.77 6.49 2.06
N GLN A 176 3.93 5.29 2.66
CA GLN A 176 2.84 4.87 3.56
C GLN A 176 3.03 5.29 5.01
N PRO A 177 1.95 5.84 5.60
CA PRO A 177 1.93 6.25 7.02
C PRO A 177 2.21 5.08 7.93
N ARG A 178 2.40 5.12 9.24
CA ARG A 178 2.63 3.93 10.13
C ARG A 178 1.28 3.32 10.41
N VAL A 179 0.98 2.03 10.67
CA VAL A 179 -0.46 1.69 10.87
C VAL A 179 -0.74 1.33 12.34
N GLY A 180 0.24 0.69 13.02
CA GLY A 180 -0.13 0.27 14.39
C GLY A 180 1.01 0.06 15.32
N ASN A 181 0.79 -0.35 16.54
CA ASN A 181 1.97 -0.41 17.43
C ASN A 181 2.97 -1.50 17.14
N PRO A 182 3.98 -1.42 18.01
CA PRO A 182 5.11 -2.37 17.99
C PRO A 182 4.70 -3.83 17.91
N ALA A 183 3.58 -4.25 18.48
CA ALA A 183 3.03 -5.61 18.50
C ALA A 183 2.44 -6.00 17.14
N PHE A 184 1.86 -4.98 16.55
CA PHE A 184 1.20 -5.05 15.21
C PHE A 184 2.42 -5.09 14.28
N ALA A 185 3.30 -4.07 14.33
CA ALA A 185 4.47 -4.24 13.43
C ALA A 185 4.94 -5.72 13.49
N ASN A 186 5.09 -6.23 14.70
CA ASN A 186 5.59 -7.58 14.93
C ASN A 186 4.81 -8.75 14.37
N TYR A 187 3.54 -8.68 14.58
CA TYR A 187 2.65 -9.70 14.02
C TYR A 187 2.71 -9.66 12.48
N VAL A 188 2.95 -8.46 11.92
CA VAL A 188 3.00 -8.42 10.45
C VAL A 188 4.22 -9.20 10.02
N VAL A 189 5.27 -9.02 10.80
CA VAL A 189 6.46 -9.71 10.33
C VAL A 189 6.14 -11.19 10.26
N SER A 190 5.53 -11.79 11.25
CA SER A 190 5.16 -13.17 11.39
C SER A 190 4.50 -13.86 10.18
N THR A 191 3.51 -13.20 9.56
CA THR A 191 2.80 -13.71 8.40
C THR A 191 3.77 -14.11 7.30
N GLY A 192 4.89 -13.44 7.36
CA GLY A 192 5.94 -13.68 6.39
C GLY A 192 5.40 -13.13 5.10
N ILE A 193 4.22 -12.55 4.98
CA ILE A 193 3.87 -11.97 3.63
C ILE A 193 4.99 -11.09 3.07
N PRO A 194 5.30 -11.16 1.78
CA PRO A 194 6.35 -10.36 1.12
C PRO A 194 5.84 -8.91 1.04
N TYR A 195 6.64 -8.01 1.64
CA TYR A 195 6.33 -6.54 1.76
C TYR A 195 7.48 -5.57 1.52
N ARG A 196 7.41 -4.91 0.41
CA ARG A 196 8.22 -3.90 -0.24
C ARG A 196 7.56 -2.56 0.16
N ARG A 197 8.02 -1.79 1.12
CA ARG A 197 7.68 -0.50 1.71
C ARG A 197 8.61 0.56 1.11
N THR A 198 8.19 1.25 0.09
CA THR A 198 8.93 2.28 -0.67
C THR A 198 8.71 3.63 -0.06
N VAL A 199 9.71 4.42 -0.01
CA VAL A 199 9.68 5.78 0.52
C VAL A 199 10.49 6.69 -0.40
N ASN A 200 9.86 7.77 -0.81
CA ASN A 200 10.66 8.67 -1.72
C ASN A 200 11.36 9.82 -0.98
N GLU A 201 12.66 9.88 -1.20
CA GLU A 201 13.64 10.82 -0.64
C GLU A 201 13.25 11.37 0.70
N ARG A 202 12.95 12.69 0.70
CA ARG A 202 12.60 13.30 2.02
C ARG A 202 11.16 13.17 2.51
N ASP A 203 10.27 12.60 1.74
CA ASP A 203 8.82 12.44 1.93
C ASP A 203 8.49 12.42 3.38
N ILE A 204 7.52 13.16 3.82
CA ILE A 204 7.17 13.15 5.24
C ILE A 204 6.34 12.04 5.84
N VAL A 205 5.27 11.64 5.18
CA VAL A 205 4.22 10.69 5.55
C VAL A 205 4.61 9.42 6.26
N PRO A 206 5.63 8.77 5.77
CA PRO A 206 6.25 7.57 6.29
C PRO A 206 6.79 7.83 7.69
N HIS A 207 6.74 9.12 8.05
CA HIS A 207 7.22 9.55 9.37
C HIS A 207 6.13 9.91 10.40
N LEU A 208 4.87 9.83 10.00
CA LEU A 208 3.68 10.11 10.77
C LEU A 208 2.76 8.88 10.84
N PRO A 209 2.01 8.57 11.88
CA PRO A 209 1.95 9.32 13.14
C PRO A 209 3.32 9.17 13.74
N PRO A 210 3.70 10.01 14.69
CA PRO A 210 5.06 9.91 15.30
C PRO A 210 5.32 8.65 16.09
N ALA A 211 6.48 8.01 15.95
CA ALA A 211 6.81 6.79 16.74
C ALA A 211 6.57 6.87 18.26
N ALA A 212 6.87 7.96 18.94
CA ALA A 212 6.64 8.17 20.35
C ALA A 212 5.18 7.89 20.71
N PHE A 213 4.14 8.15 19.97
CA PHE A 213 2.71 7.92 20.25
C PHE A 213 2.33 6.44 20.24
N GLY A 214 3.32 5.58 20.03
CA GLY A 214 3.28 4.11 19.89
C GLY A 214 2.93 3.71 18.45
N PHE A 215 3.81 4.04 17.49
CA PHE A 215 3.57 3.67 16.09
C PHE A 215 4.93 3.11 15.61
N LEU A 216 4.88 1.95 14.97
CA LEU A 216 6.14 1.34 14.50
C LEU A 216 5.80 0.70 13.16
N HIS A 217 6.62 0.80 12.14
CA HIS A 217 6.37 0.20 10.85
C HIS A 217 6.98 -1.22 10.83
N ALA A 218 6.42 -2.00 9.93
CA ALA A 218 6.92 -3.33 9.57
C ALA A 218 7.17 -3.08 8.05
N GLY A 219 7.92 -3.89 7.33
CA GLY A 219 8.19 -3.78 5.93
C GLY A 219 9.61 -3.39 5.53
N SER A 220 10.18 -4.14 4.63
CA SER A 220 11.50 -3.95 4.02
C SER A 220 11.33 -2.56 3.35
N GLU A 221 12.13 -1.56 3.76
CA GLU A 221 12.14 -0.20 3.29
C GLU A 221 13.10 -0.02 2.09
N TYR A 222 12.42 0.35 1.00
CA TYR A 222 13.07 0.62 -0.26
C TYR A 222 13.04 2.13 -0.21
N TRP A 223 14.17 2.73 0.01
CA TRP A 223 14.22 4.22 0.14
C TRP A 223 14.76 4.79 -1.15
N ILE A 224 13.98 5.53 -1.94
CA ILE A 224 14.63 6.11 -3.18
C ILE A 224 15.62 7.19 -2.76
N THR A 225 16.97 7.15 -2.90
CA THR A 225 17.74 8.36 -2.40
C THR A 225 18.14 9.39 -3.49
N ASP A 226 17.95 9.18 -4.77
CA ASP A 226 18.27 10.16 -5.80
C ASP A 226 17.33 9.84 -6.99
N ASN A 227 17.12 10.83 -7.86
CA ASN A 227 16.13 10.47 -8.92
C ASN A 227 16.72 10.35 -10.28
N SER A 228 17.98 10.66 -10.48
CA SER A 228 18.40 10.48 -11.89
C SER A 228 19.91 10.22 -11.74
N PRO A 229 20.19 9.00 -12.14
CA PRO A 229 19.20 8.00 -12.56
C PRO A 229 18.65 7.53 -11.21
N GLU A 230 17.53 6.83 -11.25
CA GLU A 230 16.99 6.39 -9.97
C GLU A 230 17.99 5.50 -9.23
N THR A 231 17.94 5.71 -7.92
CA THR A 231 18.78 4.93 -7.01
C THR A 231 17.98 4.54 -5.80
N VAL A 232 17.85 3.26 -5.41
CA VAL A 232 17.07 2.92 -4.24
C VAL A 232 17.99 2.24 -3.21
N GLN A 233 17.78 2.58 -1.93
CA GLN A 233 18.68 1.80 -1.04
C GLN A 233 17.68 0.91 -0.27
N VAL A 234 18.02 -0.31 0.04
CA VAL A 234 17.15 -1.21 0.76
C VAL A 234 17.84 -1.43 2.09
N CYS A 235 17.07 -1.32 3.14
CA CYS A 235 17.51 -1.59 4.50
C CYS A 235 16.68 -2.87 4.70
N THR A 236 17.34 -4.02 4.61
CA THR A 236 16.68 -5.34 4.76
C THR A 236 16.10 -5.68 6.12
N SER A 237 16.06 -4.83 7.13
CA SER A 237 15.41 -5.37 8.39
C SER A 237 13.94 -5.42 8.09
N ASP A 238 13.01 -6.03 8.78
CA ASP A 238 11.58 -6.12 8.50
C ASP A 238 10.70 -5.21 9.36
N LEU A 239 11.37 -4.75 10.39
CA LEU A 239 10.80 -3.79 11.31
C LEU A 239 11.63 -2.50 10.94
N GLU A 240 10.94 -1.41 11.27
CA GLU A 240 11.48 -0.08 11.09
C GLU A 240 12.93 0.09 11.53
N THR A 241 13.78 0.71 10.70
CA THR A 241 15.17 0.98 11.11
C THR A 241 15.57 2.46 10.85
N SER A 242 16.49 2.87 11.74
CA SER A 242 17.09 4.19 11.75
C SER A 242 18.11 4.31 10.61
N ASP A 243 18.11 3.57 9.47
CA ASP A 243 19.14 3.88 8.45
C ASP A 243 18.57 4.14 7.07
N CYS A 244 17.30 4.27 6.84
CA CYS A 244 16.86 4.58 5.44
C CYS A 244 16.25 5.97 5.58
N SER A 245 14.99 6.27 5.31
CA SER A 245 14.59 7.71 5.46
C SER A 245 14.53 8.29 6.87
N ASN A 246 14.72 7.44 7.85
CA ASN A 246 14.69 7.90 9.25
C ASN A 246 15.95 8.73 9.48
N SER A 247 17.04 8.61 8.76
CA SER A 247 18.20 9.47 9.03
C SER A 247 18.21 10.91 8.44
N ILE A 248 17.28 11.27 7.55
CA ILE A 248 17.16 12.57 6.93
C ILE A 248 16.20 13.47 7.73
N VAL A 249 15.64 12.86 8.78
CA VAL A 249 14.69 13.66 9.63
C VAL A 249 15.58 14.59 10.45
N PRO A 250 15.18 15.81 10.80
CA PRO A 250 13.92 16.53 10.59
C PRO A 250 13.75 17.22 9.25
N PHE A 251 14.77 17.11 8.40
CA PHE A 251 14.53 17.78 7.10
C PHE A 251 13.72 16.91 6.15
N THR A 252 12.39 16.90 6.33
CA THR A 252 11.34 16.25 5.59
C THR A 252 10.69 17.24 4.58
N SER A 253 9.96 16.69 3.61
CA SER A 253 9.27 17.35 2.50
C SER A 253 7.89 16.69 2.24
N VAL A 254 7.05 17.45 1.55
CA VAL A 254 5.68 17.12 1.15
C VAL A 254 5.76 16.90 -0.36
N LEU A 255 6.66 17.69 -0.94
CA LEU A 255 6.74 17.53 -2.40
C LEU A 255 7.09 16.10 -2.75
N ASP A 256 8.14 15.62 -2.16
CA ASP A 256 8.78 14.33 -2.26
C ASP A 256 7.74 13.20 -2.14
N HIS A 257 6.64 13.47 -1.49
CA HIS A 257 5.61 12.46 -1.27
C HIS A 257 4.60 12.32 -2.39
N LEU A 258 4.65 13.22 -3.32
CA LEU A 258 3.74 13.31 -4.46
C LEU A 258 4.39 12.89 -5.76
N SER A 259 5.54 12.26 -5.57
CA SER A 259 6.19 11.84 -6.83
C SER A 259 6.98 10.60 -6.58
N TYR A 260 6.61 9.50 -7.23
CA TYR A 260 7.48 8.35 -6.83
C TYR A 260 7.99 7.89 -8.17
N PHE A 261 9.28 7.75 -8.35
CA PHE A 261 9.74 7.23 -9.62
C PHE A 261 9.47 8.14 -10.77
N GLY A 262 9.16 9.39 -10.53
CA GLY A 262 8.88 10.23 -11.71
C GLY A 262 7.37 10.32 -11.86
N ILE A 263 6.55 9.41 -11.34
CA ILE A 263 5.08 9.48 -11.47
C ILE A 263 4.37 10.37 -10.46
N ASN A 264 3.40 11.19 -10.87
CA ASN A 264 2.71 11.99 -9.86
C ASN A 264 1.78 11.05 -9.10
N THR A 265 1.98 10.93 -7.79
CA THR A 265 1.08 10.04 -7.00
C THR A 265 0.27 10.93 -6.09
N GLY A 266 -0.97 11.23 -6.46
CA GLY A 266 -1.79 12.07 -5.61
C GLY A 266 -2.82 12.80 -6.46
N LEU A 267 -2.18 13.34 -7.50
CA LEU A 267 -3.01 14.16 -8.37
C LEU A 267 -3.43 13.51 -9.63
N CYS A 268 -2.97 12.39 -10.12
CA CYS A 268 -3.52 11.88 -11.40
C CYS A 268 -3.09 12.97 -12.41
N THR A 269 -1.81 13.18 -12.20
CA THR A 269 -1.19 14.25 -12.98
C THR A 269 -0.04 13.73 -13.81
#